data_9EYA
#
_entry.id   9EYA
#
_cell.length_a   113.694
_cell.length_b   52.191
_cell.length_c   45.154
_cell.angle_alpha   90.000
_cell.angle_beta   103.310
_cell.angle_gamma   90.000
#
_symmetry.space_group_name_H-M   'C 1 2 1'
#
loop_
_entity.id
_entity.type
_entity.pdbx_description
1 polymer 'Non-structural protein 7'
2 polymer THR-SER-ALA-VAL-LEU-GLN-SER-GLY-PHE-ARG-LYS
3 water water
#
loop_
_entity_poly.entity_id
_entity_poly.type
_entity_poly.pdbx_seq_one_letter_code
_entity_poly.pdbx_strand_id
1 'polypeptide(L)'
;SGFRKMAFPSGKVEGCMVQVTCGTTTLNGLWLDDVVYCPRAVICTSEDMLNPNYEDLLIRKSNHNFLVQAGNVQLRVIGH
SMQNCVLKLKVDTANPKTPKYKFVRIQPGQTFSVLACYNGSPSGVYQCAMRPNFTIKGSFLNGSAGSVGFNIDYDCVSFC
YMHHMELPTGVHAGTDLEGNFYGPFVDRQTAQAAGTDTTITVNVLAWLYAAVINGDRWFLNRFTTTLNDFNLVAMKYNYE
PLTQDHVDILGPLSAQTGIAVLDMCASLKELLQNGMNGRTILGSALLEDEFTPFDVVRQCSGVTFQ
;
A
2 'polypeptide(L)' (THC)SAVLQSGFRK C
#
# COMPACT_ATOMS: atom_id res chain seq x y z
N SER A 1 -16.11 11.95 17.46
CA SER A 1 -15.85 12.58 16.17
C SER A 1 -14.36 12.89 15.99
N GLY A 2 -14.07 13.71 14.97
CA GLY A 2 -12.74 13.78 14.42
C GLY A 2 -12.53 12.73 13.36
N PHE A 3 -11.50 12.93 12.55
CA PHE A 3 -11.24 12.00 11.45
C PHE A 3 -9.78 12.06 11.09
N ARG A 4 -9.09 10.92 11.22
CA ARG A 4 -7.64 10.85 11.05
C ARG A 4 -7.30 9.77 10.03
N LYS A 5 -6.17 9.95 9.35
CA LYS A 5 -5.62 8.88 8.52
C LYS A 5 -5.12 7.80 9.47
N MET A 6 -5.88 6.72 9.59
CA MET A 6 -5.73 5.75 10.66
C MET A 6 -5.19 4.45 10.09
N ALA A 7 -4.09 3.96 10.66
CA ALA A 7 -3.51 2.69 10.25
C ALA A 7 -4.04 1.57 11.14
N PHE A 8 -3.93 0.34 10.65
CA PHE A 8 -4.26 -0.81 11.47
C PHE A 8 -3.24 -0.95 12.59
N PRO A 9 -3.64 -1.49 13.74
CA PRO A 9 -2.65 -1.88 14.74
C PRO A 9 -1.66 -2.87 14.13
N SER A 10 -0.38 -2.65 14.39
CA SER A 10 0.67 -3.33 13.66
C SER A 10 1.27 -4.52 14.41
N GLY A 11 0.78 -4.84 15.60
CA GLY A 11 1.41 -5.86 16.42
C GLY A 11 1.52 -7.21 15.72
N LYS A 12 0.47 -7.62 15.02
CA LYS A 12 0.47 -8.93 14.37
C LYS A 12 1.56 -9.01 13.31
N VAL A 13 1.83 -7.90 12.61
CA VAL A 13 2.84 -7.89 11.57
C VAL A 13 4.24 -7.70 12.15
N GLU A 14 4.37 -6.92 13.23
CA GLU A 14 5.68 -6.68 13.85
C GLU A 14 6.39 -7.98 14.19
N GLY A 15 5.65 -8.97 14.70
CA GLY A 15 6.22 -10.25 15.05
C GLY A 15 6.63 -11.12 13.89
N CYS A 16 6.39 -10.67 12.65
CA CYS A 16 6.78 -11.41 11.46
C CYS A 16 7.99 -10.83 10.74
N MET A 17 8.50 -9.68 11.18
CA MET A 17 9.59 -9.03 10.45
C MET A 17 10.93 -9.61 10.87
N VAL A 18 11.76 -9.94 9.87
CA VAL A 18 13.13 -10.37 10.07
C VAL A 18 14.03 -9.61 9.12
N GLN A 19 15.33 -9.79 9.30
CA GLN A 19 16.35 -9.21 8.45
C GLN A 19 16.91 -10.31 7.55
N VAL A 20 17.08 -10.00 6.26
CA VAL A 20 17.67 -10.92 5.30
C VAL A 20 18.88 -10.25 4.69
N THR A 21 20.02 -10.91 4.75
CA THR A 21 21.27 -10.42 4.19
C THR A 21 21.81 -11.44 3.19
N CYS A 22 22.29 -10.96 2.06
CA CYS A 22 22.92 -11.82 1.06
C CYS A 22 24.05 -11.02 0.43
N GLY A 23 25.25 -11.61 0.41
CA GLY A 23 26.41 -10.93 -0.14
C GLY A 23 26.74 -9.64 0.60
N THR A 24 26.55 -8.51 -0.08
CA THR A 24 26.79 -7.19 0.50
C THR A 24 25.50 -6.40 0.68
N THR A 25 24.35 -7.08 0.67
CA THR A 25 23.06 -6.41 0.60
C THR A 25 22.16 -6.91 1.72
N THR A 26 21.40 -6.00 2.32
N THR A 26 21.41 -5.99 2.34
CA THR A 26 20.49 -6.33 3.41
CA THR A 26 20.47 -6.33 3.40
C THR A 26 19.14 -5.67 3.15
C THR A 26 19.13 -5.68 3.11
N LEU A 27 18.06 -6.36 3.53
CA LEU A 27 16.71 -5.80 3.49
C LEU A 27 15.85 -6.58 4.49
N ASN A 28 14.54 -6.41 4.42
CA ASN A 28 13.60 -7.03 5.35
C ASN A 28 12.93 -8.23 4.72
N GLY A 29 12.57 -9.19 5.57
CA GLY A 29 11.78 -10.32 5.13
C GLY A 29 10.57 -10.51 6.03
N LEU A 30 9.60 -11.26 5.51
CA LEU A 30 8.36 -11.55 6.19
C LEU A 30 8.32 -13.04 6.54
N TRP A 31 8.29 -13.35 7.83
CA TRP A 31 8.43 -14.71 8.34
C TRP A 31 7.04 -15.23 8.74
N LEU A 32 6.47 -16.10 7.92
CA LEU A 32 5.17 -16.70 8.18
C LEU A 32 5.32 -18.21 8.11
N ASP A 33 4.88 -18.90 9.16
CA ASP A 33 5.10 -20.35 9.30
C ASP A 33 6.61 -20.57 9.12
N ASP A 34 7.04 -21.52 8.29
CA ASP A 34 8.45 -21.81 8.11
C ASP A 34 9.02 -21.23 6.81
N VAL A 35 8.46 -20.11 6.34
CA VAL A 35 8.92 -19.49 5.10
C VAL A 35 9.19 -18.02 5.36
N VAL A 36 10.31 -17.52 4.83
CA VAL A 36 10.63 -16.09 4.86
C VAL A 36 10.51 -15.57 3.43
N TYR A 37 9.66 -14.56 3.23
CA TYR A 37 9.47 -13.92 1.94
C TYR A 37 10.25 -12.62 1.90
N CYS A 38 10.95 -12.36 0.79
CA CYS A 38 11.69 -11.11 0.69
C CYS A 38 11.90 -10.80 -0.80
N PRO A 39 12.20 -9.53 -1.14
CA PRO A 39 12.46 -9.20 -2.54
C PRO A 39 13.69 -9.92 -3.07
N ARG A 40 13.61 -10.39 -4.31
CA ARG A 40 14.75 -11.10 -4.89
C ARG A 40 15.94 -10.18 -5.12
N ALA A 41 15.75 -8.86 -5.09
CA ALA A 41 16.88 -7.95 -5.26
C ALA A 41 17.88 -8.01 -4.12
N VAL A 42 17.59 -8.77 -3.06
CA VAL A 42 18.61 -9.00 -2.03
C VAL A 42 19.85 -9.68 -2.61
N ILE A 43 19.75 -10.37 -3.75
CA ILE A 43 20.91 -11.05 -4.32
C ILE A 43 21.73 -10.15 -5.24
N CYS A 44 21.34 -8.88 -5.40
CA CYS A 44 22.02 -7.98 -6.31
C CYS A 44 23.02 -7.09 -5.57
N THR A 45 24.17 -6.88 -6.19
CA THR A 45 25.02 -5.75 -5.84
C THR A 45 24.49 -4.49 -6.54
N SER A 46 25.10 -3.35 -6.21
CA SER A 46 24.65 -2.10 -6.82
C SER A 46 24.84 -2.12 -8.33
N GLU A 47 25.94 -2.73 -8.81
CA GLU A 47 26.17 -2.79 -10.25
C GLU A 47 25.25 -3.78 -10.93
N ASP A 48 24.93 -4.90 -10.25
CA ASP A 48 23.93 -5.84 -10.77
C ASP A 48 22.63 -5.14 -11.12
N MET A 49 22.27 -4.09 -10.38
CA MET A 49 20.92 -3.55 -10.44
C MET A 49 20.60 -2.86 -11.76
N LEU A 50 21.60 -2.44 -12.53
CA LEU A 50 21.32 -1.83 -13.82
C LEU A 50 20.70 -2.83 -14.79
N ASN A 51 21.17 -4.07 -14.78
CA ASN A 51 20.70 -5.08 -15.73
C ASN A 51 20.80 -6.48 -15.13
N PRO A 52 20.03 -6.78 -14.08
CA PRO A 52 20.21 -8.08 -13.41
C PRO A 52 19.56 -9.21 -14.19
N ASN A 53 20.25 -10.34 -14.24
CA ASN A 53 19.68 -11.60 -14.71
C ASN A 53 19.51 -12.44 -13.45
N TYR A 54 18.31 -12.39 -12.87
CA TYR A 54 18.12 -12.94 -11.54
C TYR A 54 18.31 -14.46 -11.52
N GLU A 55 17.84 -15.16 -12.54
CA GLU A 55 18.06 -16.60 -12.61
C GLU A 55 19.55 -16.93 -12.62
N ASP A 56 20.36 -16.16 -13.37
CA ASP A 56 21.79 -16.40 -13.41
C ASP A 56 22.45 -16.04 -12.09
N LEU A 57 22.04 -14.93 -11.48
CA LEU A 57 22.59 -14.54 -10.19
C LEU A 57 22.28 -15.59 -9.12
N LEU A 58 21.12 -16.22 -9.22
CA LEU A 58 20.68 -17.18 -8.21
C LEU A 58 21.48 -18.49 -8.28
N ILE A 59 22.10 -18.80 -9.43
CA ILE A 59 22.86 -20.03 -9.58
C ILE A 59 23.98 -20.10 -8.55
N ARG A 60 24.59 -18.96 -8.23
CA ARG A 60 25.71 -18.90 -7.31
C ARG A 60 25.29 -18.74 -5.85
N LYS A 61 23.99 -18.87 -5.55
CA LYS A 61 23.49 -18.72 -4.19
C LYS A 61 23.00 -20.07 -3.68
N SER A 62 23.46 -20.45 -2.49
CA SER A 62 22.97 -21.62 -1.79
C SER A 62 22.19 -21.17 -0.56
N ASN A 63 21.54 -22.15 0.08
CA ASN A 63 20.79 -21.87 1.31
C ASN A 63 21.61 -21.06 2.31
N HIS A 64 22.88 -21.44 2.51
CA HIS A 64 23.68 -20.79 3.54
C HIS A 64 24.14 -19.38 3.15
N ASN A 65 23.92 -18.95 1.90
CA ASN A 65 24.24 -17.58 1.52
C ASN A 65 23.17 -16.58 1.97
N PHE A 66 22.00 -17.06 2.38
CA PHE A 66 20.93 -16.19 2.88
C PHE A 66 20.98 -16.19 4.40
N LEU A 67 21.42 -15.07 4.97
CA LEU A 67 21.53 -14.92 6.42
C LEU A 67 20.25 -14.28 6.92
N VAL A 68 19.45 -15.05 7.65
CA VAL A 68 18.16 -14.59 8.14
C VAL A 68 18.26 -14.41 9.65
N GLN A 69 17.87 -13.24 10.13
CA GLN A 69 18.05 -12.87 11.52
C GLN A 69 16.73 -12.37 12.08
N ALA A 70 16.23 -13.04 13.12
CA ALA A 70 15.02 -12.64 13.84
C ALA A 70 15.47 -12.19 15.23
N GLY A 71 15.53 -10.88 15.43
CA GLY A 71 16.15 -10.38 16.64
C GLY A 71 17.63 -10.72 16.62
N ASN A 72 18.11 -11.34 17.70
CA ASN A 72 19.50 -11.77 17.78
C ASN A 72 19.66 -13.27 17.52
N VAL A 73 18.69 -13.88 16.85
CA VAL A 73 18.70 -15.31 16.55
C VAL A 73 18.82 -15.46 15.03
N GLN A 74 19.70 -16.35 14.60
CA GLN A 74 19.79 -16.73 13.19
C GLN A 74 18.86 -17.90 12.92
N LEU A 75 18.01 -17.74 11.91
CA LEU A 75 17.23 -18.86 11.42
C LEU A 75 18.06 -19.67 10.45
N ARG A 76 17.77 -20.97 10.38
CA ARG A 76 18.50 -21.88 9.52
C ARG A 76 17.72 -22.05 8.22
N VAL A 77 18.34 -21.67 7.10
CA VAL A 77 17.70 -21.77 5.80
C VAL A 77 17.93 -23.17 5.25
N ILE A 78 16.85 -23.90 5.04
CA ILE A 78 16.91 -25.28 4.55
C ILE A 78 16.38 -25.42 3.13
N GLY A 79 16.00 -24.32 2.49
CA GLY A 79 15.58 -24.34 1.10
C GLY A 79 15.33 -22.92 0.62
N HIS A 80 15.38 -22.75 -0.69
CA HIS A 80 15.02 -21.45 -1.23
C HIS A 80 14.50 -21.61 -2.65
N SER A 81 13.64 -20.68 -3.05
CA SER A 81 13.11 -20.65 -4.40
C SER A 81 12.75 -19.22 -4.75
N MET A 82 12.71 -18.95 -6.04
CA MET A 82 12.28 -17.66 -6.55
C MET A 82 10.91 -17.82 -7.19
N GLN A 83 9.96 -17.00 -6.74
CA GLN A 83 8.63 -16.95 -7.35
C GLN A 83 8.41 -15.52 -7.84
N ASN A 84 8.42 -15.33 -9.15
CA ASN A 84 8.32 -14.00 -9.72
C ASN A 84 9.41 -13.12 -9.11
N CYS A 85 9.05 -12.03 -8.45
CA CYS A 85 10.06 -11.12 -7.94
C CYS A 85 10.33 -11.27 -6.45
N VAL A 86 9.87 -12.35 -5.81
CA VAL A 86 10.21 -12.56 -4.40
C VAL A 86 10.96 -13.87 -4.27
N LEU A 87 11.76 -13.95 -3.22
CA LEU A 87 12.37 -15.20 -2.78
C LEU A 87 11.56 -15.76 -1.63
N LYS A 88 11.43 -17.07 -1.60
CA LYS A 88 10.82 -17.78 -0.49
C LYS A 88 11.92 -18.62 0.16
N LEU A 89 12.29 -18.27 1.38
CA LEU A 89 13.38 -18.92 2.08
C LEU A 89 12.76 -19.84 3.13
N LYS A 90 12.81 -21.15 2.87
CA LYS A 90 12.33 -22.12 3.82
C LYS A 90 13.29 -22.21 4.99
N VAL A 91 12.77 -22.02 6.21
CA VAL A 91 13.56 -22.11 7.42
C VAL A 91 13.08 -23.30 8.23
N ASP A 92 13.91 -23.74 9.17
CA ASP A 92 13.59 -24.95 9.91
C ASP A 92 12.77 -24.68 11.17
N THR A 93 12.34 -23.45 11.38
CA THR A 93 11.54 -23.08 12.55
C THR A 93 10.32 -22.32 12.07
N ALA A 94 9.13 -22.78 12.47
CA ALA A 94 7.92 -22.02 12.20
C ALA A 94 7.88 -20.79 13.10
N ASN A 95 7.50 -19.65 12.54
CA ASN A 95 7.39 -18.44 13.35
C ASN A 95 6.29 -18.64 14.39
N PRO A 96 6.64 -18.69 15.67
CA PRO A 96 5.60 -18.91 16.70
C PRO A 96 4.62 -17.77 16.81
N LYS A 97 4.95 -16.59 16.26
CA LYS A 97 4.06 -15.44 16.27
C LYS A 97 3.26 -15.29 14.97
N THR A 98 3.26 -16.32 14.11
CA THR A 98 2.52 -16.22 12.86
C THR A 98 1.05 -15.95 13.16
N PRO A 99 0.46 -14.88 12.63
CA PRO A 99 -0.98 -14.67 12.79
C PRO A 99 -1.75 -15.48 11.75
N LYS A 100 -3.07 -15.52 11.95
CA LYS A 100 -3.95 -15.95 10.86
C LYS A 100 -3.79 -14.98 9.71
N TYR A 101 -3.56 -15.48 8.51
CA TYR A 101 -3.17 -14.60 7.43
C TYR A 101 -3.62 -15.13 6.09
N LYS A 102 -3.72 -14.21 5.13
CA LYS A 102 -3.98 -14.50 3.74
C LYS A 102 -3.08 -13.61 2.89
N PHE A 103 -2.85 -14.03 1.65
CA PHE A 103 -2.24 -13.19 0.63
C PHE A 103 -3.32 -12.71 -0.32
N VAL A 104 -3.39 -11.41 -0.55
CA VAL A 104 -4.38 -10.86 -1.47
C VAL A 104 -3.70 -9.89 -2.41
N ARG A 105 -4.18 -9.85 -3.64
CA ARG A 105 -3.76 -8.85 -4.60
C ARG A 105 -4.85 -7.79 -4.64
N ILE A 106 -4.54 -6.58 -4.17
CA ILE A 106 -5.56 -5.55 -4.04
C ILE A 106 -5.78 -4.85 -5.38
N GLN A 107 -6.96 -4.27 -5.52
CA GLN A 107 -7.31 -3.43 -6.65
C GLN A 107 -6.81 -2.01 -6.43
N PRO A 108 -6.47 -1.29 -7.49
CA PRO A 108 -6.22 0.15 -7.35
C PRO A 108 -7.43 0.85 -6.74
N GLY A 109 -7.15 1.83 -5.90
CA GLY A 109 -8.17 2.49 -5.11
C GLY A 109 -8.33 1.94 -3.70
N GLN A 110 -7.88 0.71 -3.45
CA GLN A 110 -7.93 0.14 -2.12
C GLN A 110 -6.76 0.63 -1.28
N THR A 111 -6.94 0.58 0.04
CA THR A 111 -5.98 1.12 0.99
C THR A 111 -5.44 0.01 1.87
N PHE A 112 -4.31 0.29 2.51
CA PHE A 112 -3.68 -0.66 3.42
C PHE A 112 -2.71 0.11 4.31
N SER A 113 -2.28 -0.55 5.39
CA SER A 113 -1.27 0.00 6.28
C SER A 113 0.10 -0.55 5.92
N VAL A 114 1.11 0.31 5.97
CA VAL A 114 2.50 -0.08 5.74
C VAL A 114 3.22 -0.06 7.07
N LEU A 115 3.95 -1.14 7.37
CA LEU A 115 4.87 -1.14 8.51
C LEU A 115 6.28 -0.98 7.95
N ALA A 116 6.79 0.25 7.97
CA ALA A 116 8.11 0.55 7.42
C ALA A 116 9.18 0.02 8.38
N CYS A 117 10.07 -0.82 7.86
CA CYS A 117 11.10 -1.46 8.68
C CYS A 117 12.48 -1.24 8.09
N TYR A 118 13.48 -1.31 8.96
CA TYR A 118 14.89 -1.29 8.56
C TYR A 118 15.59 -2.33 9.40
N ASN A 119 16.42 -3.15 8.76
CA ASN A 119 17.17 -4.21 9.46
C ASN A 119 16.25 -5.11 10.27
N GLY A 120 15.05 -5.36 9.75
CA GLY A 120 14.12 -6.23 10.41
C GLY A 120 13.36 -5.62 11.57
N SER A 121 13.56 -4.33 11.84
CA SER A 121 12.91 -3.66 12.95
C SER A 121 12.02 -2.53 12.47
N PRO A 122 10.85 -2.35 13.07
CA PRO A 122 9.89 -1.34 12.59
C PRO A 122 10.32 0.08 12.92
N SER A 123 10.12 0.97 11.94
CA SER A 123 10.30 2.39 12.13
C SER A 123 8.98 3.13 12.37
N GLY A 124 7.90 2.65 11.77
CA GLY A 124 6.60 3.31 11.95
C GLY A 124 5.56 2.68 11.06
N VAL A 125 4.32 3.13 11.25
CA VAL A 125 3.19 2.60 10.51
C VAL A 125 2.36 3.76 9.95
N TYR A 126 1.90 3.62 8.71
CA TYR A 126 1.08 4.64 8.09
C TYR A 126 0.18 4.00 7.05
N GLN A 127 -0.86 4.72 6.67
CA GLN A 127 -1.85 4.23 5.73
C GLN A 127 -1.48 4.70 4.32
N CYS A 128 -1.69 3.81 3.34
CA CYS A 128 -1.42 4.08 1.94
C CYS A 128 -2.60 3.64 1.08
N ALA A 129 -2.60 4.08 -0.17
CA ALA A 129 -3.53 3.58 -1.17
C ALA A 129 -2.76 3.09 -2.38
N MET A 130 -3.22 2.00 -2.98
CA MET A 130 -2.75 1.60 -4.29
C MET A 130 -3.33 2.58 -5.31
N ARG A 131 -2.50 3.45 -5.88
CA ARG A 131 -2.96 4.48 -6.79
C ARG A 131 -3.45 3.86 -8.10
N PRO A 132 -4.29 4.59 -8.85
CA PRO A 132 -4.71 4.08 -10.17
C PRO A 132 -3.54 3.82 -11.12
N ASN A 133 -2.42 4.51 -10.96
CA ASN A 133 -1.24 4.21 -11.77
C ASN A 133 -0.37 3.13 -11.15
N PHE A 134 -0.85 2.47 -10.09
CA PHE A 134 -0.21 1.31 -9.46
C PHE A 134 1.05 1.64 -8.69
N THR A 135 1.24 2.90 -8.33
CA THR A 135 2.25 3.29 -7.36
C THR A 135 1.57 3.48 -6.01
N ILE A 136 2.38 3.65 -4.97
CA ILE A 136 1.89 4.12 -3.68
C ILE A 136 2.75 5.30 -3.27
N LYS A 137 2.17 6.21 -2.51
CA LYS A 137 2.90 7.38 -2.00
C LYS A 137 3.28 7.06 -0.57
N GLY A 138 4.41 6.38 -0.41
CA GLY A 138 4.88 5.94 0.88
C GLY A 138 5.98 6.82 1.42
N SER A 139 6.67 6.30 2.43
CA SER A 139 7.83 6.93 3.03
C SER A 139 8.85 5.81 3.26
N PHE A 140 9.84 5.72 2.38
CA PHE A 140 10.77 4.61 2.38
C PHE A 140 12.17 5.12 2.09
N LEU A 141 13.15 4.57 2.79
CA LEU A 141 14.57 4.84 2.60
C LEU A 141 15.27 3.57 2.15
N ASN A 142 16.55 3.71 1.83
CA ASN A 142 17.38 2.54 1.57
C ASN A 142 17.35 1.62 2.78
N GLY A 143 17.13 0.33 2.52
CA GLY A 143 16.95 -0.66 3.56
C GLY A 143 15.50 -1.01 3.86
N SER A 144 14.55 -0.25 3.31
CA SER A 144 13.13 -0.49 3.60
C SER A 144 12.52 -1.58 2.75
N ALA A 145 13.16 -1.98 1.64
CA ALA A 145 12.62 -3.04 0.81
C ALA A 145 12.30 -4.28 1.66
N GLY A 146 11.18 -4.91 1.36
CA GLY A 146 10.70 -6.02 2.16
C GLY A 146 9.70 -5.63 3.23
N SER A 147 9.58 -4.34 3.55
CA SER A 147 8.46 -3.90 4.35
C SER A 147 7.16 -4.26 3.64
N VAL A 148 6.10 -4.53 4.41
CA VAL A 148 4.88 -5.05 3.82
C VAL A 148 3.70 -4.14 4.13
N GLY A 149 2.68 -4.25 3.29
CA GLY A 149 1.43 -3.56 3.49
C GLY A 149 0.35 -4.59 3.75
N PHE A 150 -0.67 -4.20 4.51
CA PHE A 150 -1.60 -5.20 5.01
C PHE A 150 -2.91 -4.55 5.43
N ASN A 151 -3.96 -5.37 5.46
CA ASN A 151 -5.23 -5.07 6.06
C ASN A 151 -5.53 -6.13 7.11
N ILE A 152 -6.41 -5.80 8.06
CA ILE A 152 -6.88 -6.76 9.05
C ILE A 152 -8.41 -6.79 9.00
N ASP A 153 -8.97 -7.99 9.02
CA ASP A 153 -10.41 -8.18 9.18
C ASP A 153 -10.61 -9.15 10.34
N TYR A 154 -11.25 -8.66 11.40
CA TYR A 154 -11.42 -9.42 12.63
C TYR A 154 -10.08 -9.85 13.20
N ASP A 155 -9.66 -11.09 12.91
CA ASP A 155 -8.41 -11.63 13.46
C ASP A 155 -7.42 -12.08 12.39
N CYS A 156 -7.69 -11.75 11.12
CA CYS A 156 -6.92 -12.28 10.00
C CYS A 156 -6.22 -11.14 9.27
N VAL A 157 -4.91 -11.27 9.10
CA VAL A 157 -4.10 -10.29 8.39
C VAL A 157 -4.06 -10.65 6.91
N SER A 158 -4.50 -9.73 6.06
CA SER A 158 -4.37 -9.88 4.62
C SER A 158 -3.16 -9.07 4.17
N PHE A 159 -2.09 -9.77 3.80
CA PHE A 159 -0.92 -9.11 3.23
C PHE A 159 -1.18 -8.85 1.76
N CYS A 160 -0.92 -7.62 1.31
CA CYS A 160 -1.17 -7.25 -0.06
C CYS A 160 0.00 -6.57 -0.76
N TYR A 161 1.04 -6.15 -0.03
CA TYR A 161 2.11 -5.38 -0.64
C TYR A 161 3.43 -5.71 0.03
N MET A 162 4.48 -5.86 -0.78
CA MET A 162 5.85 -5.90 -0.29
C MET A 162 6.65 -4.85 -1.03
N HIS A 163 7.39 -4.03 -0.29
CA HIS A 163 8.04 -2.89 -0.90
C HIS A 163 9.31 -3.30 -1.63
N HIS A 164 9.53 -2.70 -2.81
CA HIS A 164 10.74 -2.92 -3.58
C HIS A 164 11.51 -1.65 -3.88
N MET A 165 10.88 -0.65 -4.50
N MET A 165 10.88 -0.65 -4.50
CA MET A 165 11.68 0.41 -5.10
CA MET A 165 11.68 0.40 -5.11
C MET A 165 10.96 1.75 -5.08
C MET A 165 10.96 1.75 -5.08
N GLU A 166 11.74 2.79 -5.39
CA GLU A 166 11.28 4.16 -5.43
C GLU A 166 11.39 4.69 -6.85
N LEU A 167 10.39 5.44 -7.28
CA LEU A 167 10.26 6.04 -8.60
C LEU A 167 10.34 7.56 -8.53
N PRO A 168 10.61 8.23 -9.65
CA PRO A 168 10.60 9.70 -9.65
C PRO A 168 9.25 10.26 -9.23
N THR A 169 9.30 11.44 -8.63
CA THR A 169 8.22 12.13 -7.91
C THR A 169 8.11 11.57 -6.50
N GLY A 170 9.06 10.72 -6.08
CA GLY A 170 9.05 10.21 -4.71
C GLY A 170 7.90 9.29 -4.40
N VAL A 171 7.52 8.43 -5.35
CA VAL A 171 6.49 7.42 -5.10
C VAL A 171 7.13 6.05 -5.22
N HIS A 172 6.37 5.01 -4.93
CA HIS A 172 6.97 3.72 -4.64
C HIS A 172 6.23 2.60 -5.34
N ALA A 173 6.96 1.51 -5.60
CA ALA A 173 6.43 0.38 -6.33
C ALA A 173 6.88 -0.91 -5.66
N GLY A 174 6.04 -1.92 -5.75
CA GLY A 174 6.36 -3.19 -5.13
C GLY A 174 5.40 -4.24 -5.64
N THR A 175 5.42 -5.39 -4.96
CA THR A 175 4.74 -6.59 -5.44
C THR A 175 3.67 -7.04 -4.46
N ASP A 176 2.81 -7.94 -4.92
CA ASP A 176 2.03 -8.70 -3.96
C ASP A 176 2.93 -9.78 -3.35
N LEU A 177 2.38 -10.57 -2.44
CA LEU A 177 3.20 -11.58 -1.77
C LEU A 177 3.45 -12.81 -2.64
N GLU A 178 2.89 -12.85 -3.85
CA GLU A 178 3.28 -13.83 -4.85
C GLU A 178 4.41 -13.32 -5.73
N GLY A 179 4.90 -12.10 -5.48
CA GLY A 179 6.02 -11.57 -6.20
C GLY A 179 5.70 -10.86 -7.50
N ASN A 180 4.43 -10.68 -7.83
CA ASN A 180 4.05 -9.98 -9.04
C ASN A 180 3.91 -8.49 -8.76
N PHE A 181 4.64 -7.67 -9.51
CA PHE A 181 4.55 -6.24 -9.32
C PHE A 181 3.13 -5.74 -9.55
N TYR A 182 2.73 -4.76 -8.75
CA TYR A 182 1.60 -3.94 -9.13
C TYR A 182 2.03 -3.02 -10.26
N GLY A 183 1.22 -2.95 -11.31
CA GLY A 183 1.55 -2.11 -12.44
C GLY A 183 2.63 -2.70 -13.31
N PRO A 184 3.18 -1.88 -14.21
CA PRO A 184 4.16 -2.35 -15.19
C PRO A 184 5.61 -2.38 -14.71
N PHE A 185 5.86 -2.15 -13.43
CA PHE A 185 7.21 -1.91 -12.98
C PHE A 185 8.02 -3.19 -12.85
N VAL A 186 9.34 -3.05 -12.99
CA VAL A 186 10.27 -4.16 -12.91
C VAL A 186 11.38 -3.81 -11.93
N ASP A 187 11.93 -4.83 -11.26
CA ASP A 187 12.96 -4.63 -10.24
C ASP A 187 14.34 -4.53 -10.91
N ARG A 188 14.54 -3.40 -11.58
CA ARG A 188 15.83 -3.08 -12.15
C ARG A 188 15.96 -1.57 -12.20
N GLN A 189 17.21 -1.11 -12.22
CA GLN A 189 17.52 0.32 -12.17
C GLN A 189 17.54 0.90 -13.59
N THR A 190 16.35 1.02 -14.16
CA THR A 190 16.13 1.57 -15.49
C THR A 190 15.14 2.72 -15.39
N ALA A 191 15.10 3.51 -16.46
CA ALA A 191 14.17 4.63 -16.54
C ALA A 191 12.74 4.12 -16.50
N GLN A 192 12.06 4.37 -15.40
CA GLN A 192 10.66 4.00 -15.23
C GLN A 192 9.93 5.20 -14.67
N ALA A 193 8.73 5.42 -15.17
CA ALA A 193 7.96 6.60 -14.81
C ALA A 193 6.53 6.18 -14.53
N ALA A 194 5.95 6.74 -13.47
CA ALA A 194 4.55 6.51 -13.19
C ALA A 194 3.69 7.18 -14.25
N GLY A 195 2.53 6.58 -14.53
CA GLY A 195 1.56 7.21 -15.38
C GLY A 195 0.89 8.36 -14.65
N THR A 196 -0.20 8.84 -15.25
CA THR A 196 -0.97 9.93 -14.67
C THR A 196 -1.44 9.59 -13.27
N ASP A 197 -1.20 10.50 -12.33
CA ASP A 197 -1.70 10.28 -10.96
C ASP A 197 -3.17 10.66 -10.93
N THR A 198 -4.01 9.67 -11.13
CA THR A 198 -5.45 9.85 -11.18
C THR A 198 -6.02 9.82 -9.76
N THR A 199 -7.03 10.66 -9.52
CA THR A 199 -7.66 10.74 -8.21
C THR A 199 -8.77 9.70 -8.09
N ILE A 200 -8.81 9.05 -6.92
CA ILE A 200 -9.77 7.97 -6.68
C ILE A 200 -11.11 8.57 -6.29
N THR A 201 -12.00 8.74 -7.27
CA THR A 201 -13.23 9.50 -7.11
C THR A 201 -14.12 8.94 -6.00
N VAL A 202 -14.27 7.61 -5.97
CA VAL A 202 -15.16 7.02 -4.97
C VAL A 202 -14.64 7.27 -3.57
N ASN A 203 -13.31 7.37 -3.41
CA ASN A 203 -12.74 7.64 -2.09
C ASN A 203 -12.95 9.09 -1.66
N VAL A 204 -12.81 10.05 -2.59
CA VAL A 204 -13.13 11.43 -2.26
C VAL A 204 -14.56 11.55 -1.78
N LEU A 205 -15.49 10.88 -2.48
CA LEU A 205 -16.89 10.91 -2.05
C LEU A 205 -17.07 10.30 -0.68
N ALA A 206 -16.38 9.18 -0.40
CA ALA A 206 -16.47 8.59 0.93
C ALA A 206 -16.02 9.58 1.99
N TRP A 207 -14.94 10.31 1.71
CA TRP A 207 -14.40 11.27 2.66
C TRP A 207 -15.32 12.48 2.83
N LEU A 208 -16.02 12.87 1.76
CA LEU A 208 -17.03 13.92 1.90
C LEU A 208 -18.18 13.46 2.79
N TYR A 209 -18.55 12.18 2.70
CA TYR A 209 -19.52 11.65 3.65
C TYR A 209 -18.98 11.67 5.07
N ALA A 210 -17.72 11.31 5.25
CA ALA A 210 -17.10 11.40 6.57
C ALA A 210 -17.17 12.82 7.11
N ALA A 211 -17.00 13.81 6.23
CA ALA A 211 -17.09 15.20 6.67
C ALA A 211 -18.49 15.55 7.14
N VAL A 212 -19.51 15.12 6.39
CA VAL A 212 -20.90 15.36 6.79
C VAL A 212 -21.17 14.71 8.15
N ILE A 213 -20.76 13.46 8.32
CA ILE A 213 -20.97 12.75 9.57
C ILE A 213 -20.37 13.52 10.74
N ASN A 214 -19.26 14.21 10.50
CA ASN A 214 -18.58 14.99 11.54
C ASN A 214 -19.09 16.42 11.64
N GLY A 215 -20.09 16.81 10.85
CA GLY A 215 -20.66 18.13 10.94
C GLY A 215 -20.03 19.18 10.05
N ASP A 216 -19.14 18.78 9.14
CA ASP A 216 -18.50 19.71 8.20
C ASP A 216 -19.36 19.71 6.94
N ARG A 217 -20.29 20.67 6.86
CA ARG A 217 -21.36 20.63 5.87
C ARG A 217 -21.37 21.78 4.87
N TRP A 218 -20.40 22.70 4.93
CA TRP A 218 -20.51 23.92 4.14
C TRP A 218 -20.54 23.65 2.64
N PHE A 219 -19.96 22.54 2.20
CA PHE A 219 -19.84 22.24 0.79
C PHE A 219 -21.07 21.57 0.19
N LEU A 220 -22.03 21.17 1.02
CA LEU A 220 -23.29 20.65 0.49
C LEU A 220 -24.01 21.77 -0.26
N ASN A 221 -24.18 21.60 -1.56
CA ASN A 221 -24.88 22.61 -2.32
C ASN A 221 -26.31 22.18 -2.57
N ARG A 222 -26.98 22.89 -3.46
CA ARG A 222 -28.40 22.72 -3.72
C ARG A 222 -28.66 21.93 -4.99
N PHE A 223 -27.71 21.10 -5.40
CA PHE A 223 -27.71 20.51 -6.72
C PHE A 223 -27.66 18.99 -6.67
N THR A 224 -28.00 18.38 -7.80
CA THR A 224 -27.69 16.99 -8.08
C THR A 224 -27.14 16.94 -9.50
N THR A 225 -26.71 15.75 -9.91
CA THR A 225 -26.17 15.59 -11.26
C THR A 225 -26.43 14.16 -11.71
N THR A 226 -25.86 13.79 -12.85
CA THR A 226 -25.93 12.42 -13.33
C THR A 226 -24.53 11.86 -13.37
N LEU A 227 -24.44 10.53 -13.43
CA LEU A 227 -23.15 9.87 -13.55
C LEU A 227 -22.41 10.36 -14.79
N ASN A 228 -23.11 10.43 -15.93
CA ASN A 228 -22.47 10.84 -17.18
C ASN A 228 -22.03 12.30 -17.13
N ASP A 229 -22.86 13.18 -16.57
CA ASP A 229 -22.48 14.58 -16.51
C ASP A 229 -21.35 14.83 -15.51
N PHE A 230 -21.36 14.12 -14.37
CA PHE A 230 -20.26 14.27 -13.43
C PHE A 230 -18.94 13.83 -14.05
N ASN A 231 -18.94 12.67 -14.71
CA ASN A 231 -17.71 12.16 -15.29
C ASN A 231 -17.17 13.08 -16.38
N LEU A 232 -18.07 13.77 -17.09
CA LEU A 232 -17.65 14.75 -18.09
C LEU A 232 -16.80 15.85 -17.45
N VAL A 233 -17.24 16.37 -16.30
CA VAL A 233 -16.50 17.42 -15.62
C VAL A 233 -15.23 16.86 -15.00
N ALA A 234 -15.32 15.69 -14.38
CA ALA A 234 -14.22 15.15 -13.60
C ALA A 234 -13.09 14.61 -14.47
N MET A 235 -13.38 14.20 -15.71
CA MET A 235 -12.32 13.74 -16.59
C MET A 235 -11.25 14.81 -16.77
N LYS A 236 -11.68 16.06 -16.90
CA LYS A 236 -10.75 17.17 -17.06
C LYS A 236 -9.82 17.31 -15.86
N TYR A 237 -10.27 16.88 -14.68
CA TYR A 237 -9.49 17.00 -13.46
C TYR A 237 -8.73 15.72 -13.13
N ASN A 238 -8.64 14.78 -14.06
CA ASN A 238 -7.92 13.52 -13.87
C ASN A 238 -8.51 12.74 -12.71
N TYR A 239 -9.84 12.72 -12.61
CA TYR A 239 -10.53 11.87 -11.67
C TYR A 239 -10.91 10.56 -12.34
N GLU A 240 -10.83 9.47 -11.59
CA GLU A 240 -11.33 8.18 -12.06
C GLU A 240 -12.80 8.32 -12.46
N PRO A 241 -13.22 7.70 -13.57
CA PRO A 241 -14.65 7.67 -13.89
C PRO A 241 -15.43 6.96 -12.80
N LEU A 242 -16.55 7.56 -12.43
CA LEU A 242 -17.42 6.97 -11.42
C LEU A 242 -18.42 6.03 -12.09
N THR A 243 -18.50 4.80 -11.58
CA THR A 243 -19.36 3.76 -12.13
C THR A 243 -20.53 3.51 -11.17
N GLN A 244 -21.52 2.77 -11.68
CA GLN A 244 -22.63 2.36 -10.82
C GLN A 244 -22.16 1.47 -9.68
N ASP A 245 -21.13 0.66 -9.92
CA ASP A 245 -20.55 -0.15 -8.84
C ASP A 245 -20.03 0.73 -7.72
N HIS A 246 -19.38 1.84 -8.06
CA HIS A 246 -18.91 2.78 -7.04
C HIS A 246 -20.08 3.36 -6.26
N VAL A 247 -21.13 3.78 -6.99
CA VAL A 247 -22.33 4.33 -6.36
C VAL A 247 -22.91 3.33 -5.37
N ASP A 248 -22.98 2.05 -5.76
CA ASP A 248 -23.52 1.02 -4.87
C ASP A 248 -22.63 0.82 -3.64
N ILE A 249 -21.31 0.92 -3.82
CA ILE A 249 -20.42 0.73 -2.69
C ILE A 249 -20.60 1.85 -1.67
N LEU A 250 -21.01 3.04 -2.13
CA LEU A 250 -21.25 4.17 -1.25
C LEU A 250 -22.61 4.11 -0.57
N GLY A 251 -23.40 3.07 -0.82
CA GLY A 251 -24.73 2.94 -0.27
C GLY A 251 -24.82 3.09 1.23
N PRO A 252 -23.97 2.36 1.98
CA PRO A 252 -24.01 2.51 3.44
C PRO A 252 -23.83 3.95 3.91
N LEU A 253 -22.87 4.68 3.33
CA LEU A 253 -22.65 6.06 3.76
C LEU A 253 -23.79 6.97 3.30
N SER A 254 -24.35 6.69 2.12
CA SER A 254 -25.49 7.47 1.64
C SER A 254 -26.70 7.25 2.55
N ALA A 255 -26.96 6.00 2.95
CA ALA A 255 -28.10 5.74 3.82
C ALA A 255 -27.93 6.34 5.20
N GLN A 256 -26.71 6.37 5.71
CA GLN A 256 -26.48 6.96 7.03
C GLN A 256 -26.76 8.45 7.02
N THR A 257 -26.30 9.14 5.99
CA THR A 257 -26.42 10.59 5.94
C THR A 257 -27.70 11.07 5.24
N GLY A 258 -28.40 10.19 4.55
CA GLY A 258 -29.54 10.62 3.76
C GLY A 258 -29.19 11.44 2.53
N ILE A 259 -27.93 11.44 2.11
CA ILE A 259 -27.49 12.20 0.94
C ILE A 259 -27.26 11.23 -0.20
N ALA A 260 -28.06 11.35 -1.26
CA ALA A 260 -27.87 10.51 -2.42
C ALA A 260 -26.48 10.73 -3.00
N VAL A 261 -25.89 9.65 -3.53
CA VAL A 261 -24.53 9.75 -4.04
C VAL A 261 -24.44 10.81 -5.12
N LEU A 262 -25.44 10.87 -6.01
CA LEU A 262 -25.39 11.84 -7.10
C LEU A 262 -25.55 13.27 -6.59
N ASP A 263 -26.21 13.46 -5.44
CA ASP A 263 -26.19 14.77 -4.80
C ASP A 263 -24.78 15.11 -4.35
N MET A 264 -24.10 14.16 -3.71
CA MET A 264 -22.72 14.42 -3.29
C MET A 264 -21.82 14.66 -4.48
N CYS A 265 -22.08 13.96 -5.60
CA CYS A 265 -21.31 14.21 -6.81
C CYS A 265 -21.45 15.66 -7.27
N ALA A 266 -22.66 16.21 -7.14
CA ALA A 266 -22.85 17.60 -7.54
C ALA A 266 -22.05 18.54 -6.65
N SER A 267 -22.00 18.26 -5.35
CA SER A 267 -21.17 19.05 -4.46
C SER A 267 -19.70 18.90 -4.80
N LEU A 268 -19.26 17.68 -5.11
CA LEU A 268 -17.87 17.48 -5.50
C LEU A 268 -17.55 18.24 -6.79
N LYS A 269 -18.47 18.20 -7.75
CA LYS A 269 -18.27 18.91 -9.02
C LYS A 269 -18.01 20.40 -8.79
N GLU A 270 -18.77 21.02 -7.87
CA GLU A 270 -18.55 22.44 -7.62
C GLU A 270 -17.23 22.68 -6.91
N LEU A 271 -16.81 21.77 -6.04
CA LEU A 271 -15.50 21.89 -5.41
C LEU A 271 -14.39 21.78 -6.44
N LEU A 272 -14.55 20.87 -7.41
CA LEU A 272 -13.54 20.73 -8.45
C LEU A 272 -13.48 21.97 -9.33
N GLN A 273 -14.65 22.54 -9.68
CA GLN A 273 -14.68 23.64 -10.63
C GLN A 273 -14.33 24.97 -9.99
N ASN A 274 -14.77 25.19 -8.75
CA ASN A 274 -14.60 26.49 -8.12
C ASN A 274 -13.58 26.49 -6.99
N GLY A 275 -13.01 25.34 -6.63
CA GLY A 275 -12.06 25.27 -5.55
C GLY A 275 -12.72 25.35 -4.19
N MET A 276 -11.88 25.31 -3.16
CA MET A 276 -12.36 25.32 -1.79
C MET A 276 -12.32 26.69 -1.13
N ASN A 277 -11.90 27.73 -1.88
CA ASN A 277 -11.97 29.11 -1.40
C ASN A 277 -11.21 29.29 -0.09
N GLY A 278 -10.09 28.59 0.06
CA GLY A 278 -9.30 28.65 1.27
C GLY A 278 -9.92 27.96 2.48
N ARG A 279 -11.09 27.37 2.34
CA ARG A 279 -11.71 26.66 3.43
C ARG A 279 -11.12 25.26 3.57
N THR A 280 -11.45 24.60 4.68
CA THR A 280 -10.98 23.25 4.92
C THR A 280 -12.16 22.30 5.10
N ILE A 281 -11.89 21.03 4.83
CA ILE A 281 -12.84 19.94 5.06
C ILE A 281 -12.09 18.89 5.86
N LEU A 282 -12.58 18.61 7.07
CA LEU A 282 -11.91 17.69 7.98
C LEU A 282 -10.45 18.06 8.16
N GLY A 283 -10.19 19.36 8.30
CA GLY A 283 -8.85 19.86 8.53
C GLY A 283 -7.93 19.82 7.33
N SER A 284 -8.44 19.50 6.14
CA SER A 284 -7.63 19.40 4.93
C SER A 284 -7.99 20.49 3.95
N ALA A 285 -6.99 21.01 3.25
CA ALA A 285 -7.18 22.06 2.26
C ALA A 285 -7.31 21.54 0.84
N LEU A 286 -7.16 20.23 0.64
CA LEU A 286 -7.40 19.61 -0.65
C LEU A 286 -8.32 18.41 -0.45
N LEU A 287 -8.80 17.85 -1.57
CA LEU A 287 -9.73 16.74 -1.52
C LEU A 287 -8.96 15.44 -1.33
N GLU A 288 -9.22 14.75 -0.21
CA GLU A 288 -8.49 13.54 0.16
C GLU A 288 -9.10 12.32 -0.49
N ASP A 289 -8.27 11.47 -1.11
CA ASP A 289 -8.76 10.31 -1.84
C ASP A 289 -8.16 9.00 -1.36
N GLU A 290 -7.60 8.95 -0.15
CA GLU A 290 -7.04 7.70 0.35
C GLU A 290 -7.81 7.16 1.56
N PHE A 291 -9.12 7.43 1.60
CA PHE A 291 -10.05 6.73 2.48
C PHE A 291 -11.06 6.01 1.61
N THR A 292 -11.11 4.68 1.71
CA THR A 292 -12.17 3.94 1.03
C THR A 292 -13.49 4.09 1.77
N PRO A 293 -14.61 3.77 1.12
CA PRO A 293 -15.89 3.75 1.84
C PRO A 293 -15.84 2.86 3.07
N PHE A 294 -15.19 1.71 2.97
CA PHE A 294 -15.06 0.84 4.14
C PHE A 294 -14.21 1.50 5.22
N ASP A 295 -13.14 2.19 4.82
CA ASP A 295 -12.32 2.93 5.79
C ASP A 295 -13.16 3.91 6.60
N VAL A 296 -14.06 4.64 5.94
CA VAL A 296 -14.88 5.62 6.63
C VAL A 296 -15.81 4.93 7.62
N VAL A 297 -16.52 3.89 7.16
CA VAL A 297 -17.44 3.16 8.04
C VAL A 297 -16.70 2.60 9.24
N ARG A 298 -15.51 2.00 9.01
CA ARG A 298 -14.69 1.48 10.10
C ARG A 298 -14.40 2.56 11.14
N GLN A 299 -13.91 3.71 10.69
CA GLN A 299 -13.48 4.74 11.64
C GLN A 299 -14.67 5.41 12.30
N CYS A 300 -15.76 5.61 11.56
CA CYS A 300 -16.92 6.29 12.13
C CYS A 300 -17.78 5.37 12.99
N SER A 301 -17.62 4.05 12.89
CA SER A 301 -18.39 3.12 13.70
C SER A 301 -17.54 2.38 14.73
N GLY A 302 -16.24 2.62 14.78
CA GLY A 302 -15.39 2.02 15.80
C GLY A 302 -15.13 0.54 15.62
N VAL A 303 -14.93 0.09 14.37
CA VAL A 303 -14.61 -1.31 14.12
C VAL A 303 -13.28 -1.65 14.75
N THR A 304 -13.25 -2.73 15.52
CA THR A 304 -12.05 -3.20 16.19
C THR A 304 -11.60 -4.53 15.59
N PHE A 305 -10.44 -5.00 16.06
CA PHE A 305 -9.83 -6.21 15.55
C PHE A 305 -9.35 -7.08 16.69
N GLN A 306 -9.33 -8.38 16.43
CA GLN A 306 -8.95 -9.37 17.42
C GLN A 306 -7.61 -10.01 17.07
N SER B 2 15.71 6.85 -13.05
CA SER B 2 15.67 5.41 -12.97
C SER B 2 15.04 4.96 -11.66
N ALA B 3 14.41 3.79 -11.69
CA ALA B 3 13.93 3.19 -10.46
C ALA B 3 15.11 2.82 -9.56
N VAL B 4 14.91 2.93 -8.26
CA VAL B 4 15.94 2.67 -7.27
C VAL B 4 15.44 1.58 -6.33
N LEU B 5 16.10 0.43 -6.34
CA LEU B 5 15.72 -0.65 -5.45
C LEU B 5 16.24 -0.36 -4.05
N GLN B 6 15.33 -0.31 -3.07
CA GLN B 6 15.66 0.25 -1.77
C GLN B 6 16.11 -0.81 -0.77
N SER B 7 17.02 -1.68 -1.22
CA SER B 7 17.80 -2.47 -0.29
C SER B 7 18.85 -1.59 0.38
N GLY B 8 19.56 -2.15 1.36
CA GLY B 8 20.60 -1.42 2.06
C GLY B 8 21.93 -2.13 2.00
N PHE B 9 23.03 -1.41 2.29
CA PHE B 9 24.35 -2.02 2.27
C PHE B 9 24.59 -2.82 3.55
N ARG B 10 25.30 -3.94 3.41
CA ARG B 10 25.59 -4.77 4.57
C ARG B 10 26.57 -4.06 5.50
N LYS B 11 26.28 -4.08 6.80
CA LYS B 11 27.11 -3.43 7.80
C LYS B 11 27.94 -4.46 8.56
#